data_2KPV
#
_entry.id   2KPV
#
_entity_poly.entity_id   1
_entity_poly.type   'polyribonucleotide'
_entity_poly.pdbx_seq_one_letter_code
;GGAGGUAGUAGGUCGAAAGACCGUUCUACACUCC
;
_entity_poly.pdbx_strand_id   A
#